data_6SFE
#
_entry.id   6SFE
#
_cell.length_a   60.144
_cell.length_b   44.150
_cell.length_c   84.634
_cell.angle_alpha   90.000
_cell.angle_beta   95.140
_cell.angle_gamma   90.000
#
_symmetry.space_group_name_H-M   'P 1 21 1'
#
loop_
_entity.id
_entity.type
_entity.pdbx_description
1 polymer '3-dehydroquinate dehydratase'
2 non-polymer '(1~{S},3~{S},4~{S},5~{R})-3-(aminomethyl)-3,4,5-tris(hydroxyl)cyclohexane-1-carboxylic acid'
3 water water
#
_entity_poly.entity_id   1
_entity_poly.type   'polypeptide(L)'
_entity_poly.pdbx_seq_one_letter_code
;MKTVTVKNLIIGEGMPKIIVSLMGRDINSVKAEALAYREATFDILEWRVDHFMDIASTQSVLTAARVIRDAMPDIPLLFT
FRSAKEGGEQTITTQHYLTLNRAAIDSGLVDMIDLELFTGDADVKATVDYAHAHNVYVVMSNHDFHQTPSAEEMVLRLRK
MQALGADIPKIAVMPQSKHDVLTLLTATLEMQQHYADRPVITMSMAKEGVISRLAGEVFGSAATFGAVKQASAPGQIAVN
DLRSVLMILHNA
;
_entity_poly.pdbx_strand_id   A,B
#
loop_
_chem_comp.id
_chem_comp.type
_chem_comp.name
_chem_comp.formula
L9Z non-polymer '(1~{S},3~{S},4~{S},5~{R})-3-(aminomethyl)-3,4,5-tris(hydroxyl)cyclohexane-1-carboxylic acid' 'C8 H15 N O5'
#
# COMPACT_ATOMS: atom_id res chain seq x y z
N MET A 1 23.42 -1.23 -3.29
CA MET A 1 22.91 -2.13 -2.22
C MET A 1 23.85 -3.29 -2.03
N LYS A 2 24.34 -3.46 -0.80
CA LYS A 2 24.85 -4.73 -0.35
C LYS A 2 23.89 -5.37 0.65
N THR A 3 23.41 -6.55 0.28
CA THR A 3 22.41 -7.26 1.04
C THR A 3 22.98 -7.85 2.32
N VAL A 4 22.08 -8.34 3.17
CA VAL A 4 22.42 -9.04 4.39
C VAL A 4 21.81 -10.43 4.28
N THR A 5 22.66 -11.45 4.21
CA THR A 5 22.19 -12.83 4.06
C THR A 5 22.35 -13.57 5.37
N VAL A 6 21.25 -14.12 5.87
CA VAL A 6 21.25 -14.92 7.11
C VAL A 6 20.56 -16.24 6.81
N LYS A 7 21.25 -17.36 7.00
CA LYS A 7 20.62 -18.69 6.85
C LYS A 7 19.79 -18.79 5.57
N ASN A 8 20.42 -18.39 4.47
CA ASN A 8 19.85 -18.45 3.12
C ASN A 8 18.78 -17.41 2.80
N LEU A 9 18.47 -16.51 3.73
CA LEU A 9 17.51 -15.45 3.51
C LEU A 9 18.26 -14.20 3.09
N ILE A 10 17.88 -13.64 1.95
CA ILE A 10 18.57 -12.44 1.45
C ILE A 10 17.74 -11.20 1.77
N ILE A 11 18.21 -10.42 2.74
CA ILE A 11 17.51 -9.21 3.12
C ILE A 11 18.04 -8.07 2.25
N GLY A 12 17.14 -7.37 1.59
CA GLY A 12 17.48 -6.23 0.73
C GLY A 12 17.29 -6.47 -0.74
N GLU A 13 16.76 -7.62 -1.11
CA GLU A 13 16.31 -7.81 -2.48
C GLU A 13 15.04 -8.58 -2.50
N GLY A 14 14.37 -8.49 -3.66
CA GLY A 14 13.11 -9.15 -3.83
C GLY A 14 12.03 -8.64 -2.91
N MET A 15 11.14 -9.53 -2.51
CA MET A 15 10.03 -9.17 -1.67
C MET A 15 10.52 -8.85 -0.27
N PRO A 16 9.93 -7.87 0.42
CA PRO A 16 10.29 -7.62 1.81
C PRO A 16 10.15 -8.86 2.67
N LYS A 17 11.07 -9.01 3.60
CA LYS A 17 11.08 -10.19 4.48
C LYS A 17 10.18 -9.97 5.68
N ILE A 18 9.49 -11.05 6.07
CA ILE A 18 8.51 -11.01 7.13
C ILE A 18 9.14 -11.40 8.46
N ILE A 19 9.03 -10.50 9.44
CA ILE A 19 9.52 -10.74 10.78
C ILE A 19 8.31 -10.89 11.68
N VAL A 20 8.36 -11.85 12.60
CA VAL A 20 7.39 -11.94 13.67
C VAL A 20 8.13 -11.94 15.00
N SER A 21 7.48 -11.42 16.04
CA SER A 21 8.07 -11.35 17.36
C SER A 21 7.51 -12.44 18.28
N LEU A 22 8.40 -13.11 18.99
CA LEU A 22 8.04 -14.06 20.04
C LEU A 22 8.11 -13.31 21.37
N MET A 23 7.01 -13.41 22.12
CA MET A 23 6.84 -12.73 23.38
C MET A 23 6.43 -13.73 24.44
N GLY A 24 7.23 -13.90 25.46
CA GLY A 24 6.87 -14.80 26.57
C GLY A 24 7.58 -14.40 27.84
N ARG A 25 6.97 -14.75 28.96
CA ARG A 25 7.42 -14.40 30.29
CA ARG A 25 7.52 -14.29 30.23
C ARG A 25 8.62 -15.19 30.77
N ASP A 26 8.64 -16.47 30.39
CA ASP A 26 9.48 -17.47 31.05
C ASP A 26 9.75 -18.60 30.08
N ILE A 27 10.51 -19.59 30.50
CA ILE A 27 10.86 -20.69 29.60
C ILE A 27 9.64 -21.41 29.07
N ASN A 28 8.68 -21.74 29.93
CA ASN A 28 7.53 -22.51 29.46
C ASN A 28 6.72 -21.73 28.45
N SER A 29 6.53 -20.43 28.69
CA SER A 29 5.76 -19.60 27.74
CA SER A 29 5.76 -19.65 27.74
C SER A 29 6.52 -19.41 26.44
N VAL A 30 7.83 -19.21 26.53
CA VAL A 30 8.63 -19.12 25.31
C VAL A 30 8.53 -20.41 24.48
N LYS A 31 8.59 -21.56 25.16
CA LYS A 31 8.44 -22.84 24.45
C LYS A 31 7.08 -22.93 23.79
N ALA A 32 6.03 -22.55 24.51
CA ALA A 32 4.67 -22.66 23.97
C ALA A 32 4.52 -21.76 22.76
N GLU A 33 5.08 -20.55 22.80
CA GLU A 33 5.00 -19.66 21.65
C GLU A 33 5.80 -20.20 20.48
N ALA A 34 7.01 -20.68 20.74
CA ALA A 34 7.83 -21.20 19.66
C ALA A 34 7.11 -22.35 18.97
N LEU A 35 6.48 -23.21 19.75
CA LEU A 35 5.72 -24.33 19.20
C LEU A 35 4.55 -23.85 18.38
N ALA A 36 3.77 -22.90 18.89
CA ALA A 36 2.61 -22.40 18.16
C ALA A 36 3.03 -21.74 16.85
N TYR A 37 4.21 -21.10 16.87
CA TYR A 37 4.70 -20.41 15.67
C TYR A 37 5.11 -21.36 14.55
N ARG A 38 5.25 -22.66 14.83
CA ARG A 38 5.51 -23.64 13.78
C ARG A 38 4.42 -23.64 12.71
N GLU A 39 3.20 -23.30 13.09
CA GLU A 39 2.09 -23.26 12.14
C GLU A 39 2.05 -21.99 11.28
N ALA A 40 2.88 -20.99 11.58
CA ALA A 40 2.90 -19.74 10.83
C ALA A 40 4.03 -19.75 9.81
N THR A 41 3.91 -18.89 8.82
CA THR A 41 4.92 -18.72 7.76
C THR A 41 5.54 -17.33 7.85
N PHE A 42 6.85 -17.29 8.04
CA PHE A 42 7.58 -16.03 8.19
C PHE A 42 9.05 -16.28 7.92
N ASP A 43 9.80 -15.20 7.77
CA ASP A 43 11.22 -15.28 7.39
C ASP A 43 12.21 -15.16 8.53
N ILE A 44 11.89 -14.34 9.53
CA ILE A 44 12.81 -14.02 10.63
C ILE A 44 12.02 -14.05 11.93
N LEU A 45 12.61 -14.66 12.96
CA LEU A 45 12.04 -14.67 14.29
CA LEU A 45 12.04 -14.67 14.29
C LEU A 45 12.77 -13.63 15.13
N GLU A 46 12.03 -12.65 15.67
CA GLU A 46 12.56 -11.72 16.65
C GLU A 46 12.14 -12.17 18.03
N TRP A 47 13.09 -12.36 18.94
CA TRP A 47 12.76 -12.57 20.33
C TRP A 47 12.71 -11.22 21.04
N ARG A 48 11.52 -10.82 21.52
CA ARG A 48 11.36 -9.59 22.27
C ARG A 48 11.69 -9.85 23.74
N VAL A 49 12.94 -9.62 24.08
CA VAL A 49 13.49 -9.91 25.39
C VAL A 49 12.83 -9.07 26.48
N ASP A 50 12.39 -7.86 26.12
CA ASP A 50 11.75 -7.00 27.10
C ASP A 50 10.39 -7.51 27.60
N HIS A 51 9.80 -8.47 26.91
CA HIS A 51 8.59 -9.16 27.42
C HIS A 51 8.92 -10.26 28.43
N PHE A 52 10.19 -10.63 28.56
CA PHE A 52 10.61 -11.71 29.47
C PHE A 52 10.68 -11.18 30.90
N MET A 53 10.37 -12.03 31.87
CA MET A 53 10.35 -11.57 33.24
CA MET A 53 10.34 -11.61 33.27
CA MET A 53 10.35 -11.59 33.25
C MET A 53 11.76 -11.47 33.82
N ASP A 54 12.51 -12.58 33.84
CA ASP A 54 13.82 -12.58 34.51
C ASP A 54 14.90 -12.10 33.57
N ILE A 55 14.88 -10.81 33.28
CA ILE A 55 15.94 -10.18 32.48
C ILE A 55 17.14 -9.80 33.34
N ALA A 56 17.00 -9.88 34.67
CA ALA A 56 18.10 -9.53 35.57
C ALA A 56 19.23 -10.51 35.46
N SER A 57 18.92 -11.79 35.26
CA SER A 57 19.93 -12.83 35.16
C SER A 57 20.35 -13.05 33.72
N THR A 58 21.63 -12.82 33.46
CA THR A 58 22.19 -13.10 32.14
C THR A 58 22.00 -14.59 31.79
N GLN A 59 22.18 -15.45 32.78
CA GLN A 59 21.96 -16.88 32.58
CA GLN A 59 21.96 -16.89 32.59
C GLN A 59 20.53 -17.18 32.17
N SER A 60 19.55 -16.58 32.83
CA SER A 60 18.16 -16.81 32.46
C SER A 60 17.90 -16.37 31.02
N VAL A 61 18.41 -15.22 30.64
CA VAL A 61 18.24 -14.71 29.29
C VAL A 61 18.87 -15.62 28.26
N LEU A 62 20.10 -16.06 28.51
CA LEU A 62 20.77 -16.94 27.56
C LEU A 62 20.10 -18.30 27.47
N THR A 63 19.59 -18.82 28.58
CA THR A 63 18.90 -20.10 28.54
C THR A 63 17.67 -20.00 27.65
N ALA A 64 16.93 -18.90 27.77
CA ALA A 64 15.77 -18.70 26.90
C ALA A 64 16.18 -18.55 25.44
N ALA A 65 17.25 -17.80 25.18
CA ALA A 65 17.74 -17.66 23.80
C ALA A 65 18.10 -19.04 23.24
N ARG A 66 18.74 -19.88 24.06
CA ARG A 66 19.12 -21.22 23.63
CA ARG A 66 19.12 -21.21 23.63
C ARG A 66 17.89 -22.07 23.32
N VAL A 67 16.87 -21.98 24.17
CA VAL A 67 15.63 -22.70 23.89
C VAL A 67 15.06 -22.29 22.52
N ILE A 68 15.04 -20.99 22.24
CA ILE A 68 14.49 -20.52 20.98
C ILE A 68 15.33 -20.98 19.80
N ARG A 69 16.65 -20.80 19.93
CA ARG A 69 17.58 -21.26 18.88
C ARG A 69 17.37 -22.73 18.58
N ASP A 70 17.24 -23.54 19.64
CA ASP A 70 17.12 -24.98 19.44
C ASP A 70 15.74 -25.38 18.93
N ALA A 71 14.72 -24.60 19.26
CA ALA A 71 13.36 -24.82 18.76
C ALA A 71 13.25 -24.54 17.27
N MET A 72 14.01 -23.53 16.80
CA MET A 72 13.95 -23.08 15.41
CA MET A 72 13.95 -23.08 15.41
C MET A 72 15.37 -22.96 14.87
N PRO A 73 16.06 -24.09 14.70
CA PRO A 73 17.48 -24.04 14.33
C PRO A 73 17.79 -23.45 12.98
N ASP A 74 16.81 -23.45 12.08
CA ASP A 74 17.06 -23.02 10.69
C ASP A 74 16.50 -21.64 10.36
N ILE A 75 15.96 -20.94 11.36
CA ILE A 75 15.35 -19.63 11.16
CA ILE A 75 15.36 -19.65 11.13
C ILE A 75 16.34 -18.55 11.55
N PRO A 76 16.48 -17.51 10.73
CA PRO A 76 17.19 -16.32 11.21
C PRO A 76 16.61 -15.82 12.53
N LEU A 77 17.47 -15.64 13.54
CA LEU A 77 17.03 -15.28 14.88
C LEU A 77 17.63 -13.94 15.27
N LEU A 78 16.73 -12.99 15.56
CA LEU A 78 17.04 -11.62 15.93
C LEU A 78 16.73 -11.42 17.42
N PHE A 79 17.74 -10.98 18.18
CA PHE A 79 17.61 -10.70 19.61
C PHE A 79 17.34 -9.23 19.81
N THR A 80 16.20 -8.90 20.41
CA THR A 80 15.80 -7.52 20.62
C THR A 80 15.33 -7.26 22.04
N PHE A 81 16.07 -6.45 22.77
CA PHE A 81 15.55 -5.85 23.99
C PHE A 81 15.06 -4.45 23.61
N ARG A 82 13.75 -4.27 23.55
CA ARG A 82 13.19 -2.95 23.24
C ARG A 82 13.03 -2.23 24.55
N SER A 83 13.77 -1.15 24.74
CA SER A 83 13.76 -0.44 25.99
C SER A 83 12.43 0.27 26.14
N ALA A 84 12.02 0.43 27.39
CA ALA A 84 10.88 1.28 27.65
C ALA A 84 11.13 2.67 27.12
N LYS A 85 12.35 3.19 27.19
CA LYS A 85 12.71 4.47 26.57
C LYS A 85 12.16 4.57 25.12
N GLU A 86 12.21 3.48 24.36
CA GLU A 86 11.76 3.40 22.94
C GLU A 86 10.51 2.58 22.68
N GLY A 87 9.65 2.49 23.70
CA GLY A 87 8.35 1.90 23.52
C GLY A 87 8.21 0.42 23.91
N GLY A 88 9.23 -0.13 24.53
CA GLY A 88 9.19 -1.50 25.02
C GLY A 88 8.51 -1.68 26.35
N GLU A 89 8.58 -2.89 26.88
CA GLU A 89 7.73 -3.28 28.00
C GLU A 89 8.32 -3.05 29.38
N GLN A 90 9.61 -2.77 29.49
CA GLN A 90 10.22 -2.50 30.79
C GLN A 90 11.53 -1.74 30.60
N THR A 91 12.00 -1.14 31.68
CA THR A 91 13.25 -0.41 31.65
C THR A 91 14.45 -1.35 31.87
N ILE A 92 15.61 -0.84 31.50
CA ILE A 92 16.88 -1.53 31.68
C ILE A 92 17.96 -0.49 31.82
N THR A 93 18.98 -0.76 32.63
CA THR A 93 20.12 0.16 32.66
C THR A 93 20.92 0.01 31.36
N THR A 94 21.63 1.07 30.96
CA THR A 94 22.47 0.95 29.78
C THR A 94 23.53 -0.14 29.97
N GLN A 95 24.09 -0.25 31.19
CA GLN A 95 25.11 -1.25 31.42
C GLN A 95 24.54 -2.67 31.31
N HIS A 96 23.33 -2.88 31.82
CA HIS A 96 22.79 -4.24 31.76
C HIS A 96 22.32 -4.56 30.35
N TYR A 97 21.81 -3.58 29.63
CA TYR A 97 21.51 -3.74 28.20
C TYR A 97 22.74 -4.18 27.42
N LEU A 98 23.86 -3.52 27.68
CA LEU A 98 25.15 -3.89 27.08
C LEU A 98 25.55 -5.34 27.45
N THR A 99 25.40 -5.70 28.72
CA THR A 99 25.77 -7.05 29.16
C THR A 99 24.94 -8.10 28.42
N LEU A 100 23.63 -7.90 28.37
CA LEU A 100 22.78 -8.88 27.70
C LEU A 100 23.09 -8.98 26.23
N ASN A 101 23.29 -7.85 25.57
CA ASN A 101 23.58 -7.90 24.14
CA ASN A 101 23.61 -7.82 24.15
C ASN A 101 24.93 -8.52 23.86
N ARG A 102 25.95 -8.20 24.65
CA ARG A 102 27.27 -8.83 24.45
C ARG A 102 27.16 -10.34 24.65
N ALA A 103 26.45 -10.76 25.71
CA ALA A 103 26.31 -12.18 25.99
C ALA A 103 25.57 -12.89 24.86
N ALA A 104 24.52 -12.27 24.34
CA ALA A 104 23.81 -12.84 23.20
C ALA A 104 24.77 -12.99 22.00
N ILE A 105 25.51 -11.93 21.73
CA ILE A 105 26.44 -11.93 20.61
C ILE A 105 27.46 -13.06 20.71
N ASP A 106 28.13 -13.17 21.86
CA ASP A 106 29.29 -14.07 21.92
C ASP A 106 28.90 -15.51 22.23
N SER A 107 27.61 -15.75 22.48
CA SER A 107 27.08 -17.08 22.76
CA SER A 107 27.22 -17.13 22.78
C SER A 107 26.92 -17.94 21.52
N GLY A 108 26.89 -17.28 20.37
CA GLY A 108 26.60 -17.95 19.12
C GLY A 108 25.14 -18.28 18.89
N LEU A 109 24.26 -17.86 19.78
CA LEU A 109 22.86 -18.26 19.74
C LEU A 109 22.01 -17.46 18.80
N VAL A 110 22.46 -16.27 18.38
CA VAL A 110 21.62 -15.40 17.56
C VAL A 110 22.36 -14.97 16.31
N ASP A 111 21.60 -14.74 15.26
CA ASP A 111 22.14 -14.28 13.99
C ASP A 111 22.25 -12.77 13.89
N MET A 112 21.37 -12.07 14.60
CA MET A 112 21.25 -10.63 14.50
C MET A 112 20.88 -10.11 15.87
N ILE A 113 21.28 -8.86 16.16
CA ILE A 113 20.86 -8.18 17.35
CA ILE A 113 20.83 -8.18 17.37
C ILE A 113 20.31 -6.82 16.98
N ASP A 114 19.36 -6.33 17.77
CA ASP A 114 18.85 -4.97 17.66
C ASP A 114 19.62 -4.11 18.65
N LEU A 115 20.12 -2.98 18.18
CA LEU A 115 20.85 -2.04 19.01
CA LEU A 115 20.84 -2.03 19.02
C LEU A 115 20.20 -0.68 18.83
N GLU A 116 19.71 -0.07 19.90
CA GLU A 116 19.06 1.24 19.79
C GLU A 116 20.13 2.34 19.62
N LEU A 117 19.98 3.11 18.55
CA LEU A 117 20.90 4.21 18.22
C LEU A 117 21.14 5.15 19.40
N PHE A 118 20.09 5.50 20.12
CA PHE A 118 20.13 6.49 21.18
CA PHE A 118 20.24 6.53 21.15
C PHE A 118 20.70 5.96 22.51
N THR A 119 21.20 4.73 22.51
CA THR A 119 21.79 4.15 23.71
C THR A 119 22.98 4.97 24.23
N GLY A 120 23.71 5.55 23.30
CA GLY A 120 24.90 6.32 23.64
C GLY A 120 25.99 5.91 22.70
N ASP A 121 26.75 6.89 22.25
CA ASP A 121 27.70 6.68 21.17
C ASP A 121 28.75 5.62 21.48
N ALA A 122 29.38 5.70 22.66
CA ALA A 122 30.44 4.76 23.00
C ALA A 122 29.89 3.33 23.06
N ASP A 123 28.75 3.17 23.71
CA ASP A 123 28.16 1.84 23.82
C ASP A 123 27.72 1.29 22.46
N VAL A 124 27.16 2.14 21.61
CA VAL A 124 26.76 1.70 20.28
C VAL A 124 27.99 1.26 19.48
N LYS A 125 29.01 2.11 19.42
CA LYS A 125 30.21 1.74 18.66
C LYS A 125 30.82 0.45 19.18
N ALA A 126 30.92 0.31 20.49
CA ALA A 126 31.55 -0.89 21.06
C ALA A 126 30.74 -2.12 20.72
N THR A 127 29.42 -2.00 20.78
CA THR A 127 28.57 -3.15 20.57
C THR A 127 28.52 -3.53 19.09
N VAL A 128 28.54 -2.55 18.19
CA VAL A 128 28.66 -2.83 16.77
C VAL A 128 29.94 -3.63 16.51
N ASP A 129 31.05 -3.14 17.05
CA ASP A 129 32.32 -3.85 16.86
C ASP A 129 32.26 -5.28 17.39
N TYR A 130 31.68 -5.44 18.57
CA TYR A 130 31.59 -6.75 19.21
C TYR A 130 30.73 -7.68 18.36
N ALA A 131 29.58 -7.19 17.90
CA ALA A 131 28.72 -8.00 17.01
C ALA A 131 29.48 -8.46 15.79
N HIS A 132 30.11 -7.51 15.09
CA HIS A 132 30.80 -7.85 13.86
C HIS A 132 31.95 -8.80 14.07
N ALA A 133 32.66 -8.65 15.18
CA ALA A 133 33.78 -9.55 15.47
C ALA A 133 33.33 -10.97 15.68
N HIS A 134 32.06 -11.16 16.06
CA HIS A 134 31.48 -12.48 16.30
C HIS A 134 30.48 -12.90 15.22
N ASN A 135 30.54 -12.26 14.04
CA ASN A 135 29.71 -12.64 12.92
C ASN A 135 28.21 -12.54 13.21
N VAL A 136 27.84 -11.47 13.91
CA VAL A 136 26.44 -11.15 14.18
C VAL A 136 26.10 -9.83 13.49
N TYR A 137 24.95 -9.77 12.84
CA TYR A 137 24.50 -8.55 12.20
C TYR A 137 23.78 -7.64 13.17
N VAL A 138 23.84 -6.35 12.92
CA VAL A 138 23.21 -5.33 13.76
C VAL A 138 22.08 -4.64 13.01
N VAL A 139 20.88 -4.74 13.57
CA VAL A 139 19.76 -3.92 13.21
C VAL A 139 19.82 -2.73 14.15
N MET A 140 20.22 -1.56 13.65
CA MET A 140 20.35 -0.41 14.54
C MET A 140 19.04 0.35 14.45
N SER A 141 18.45 0.69 15.59
CA SER A 141 17.04 1.06 15.58
C SER A 141 16.75 2.34 16.32
N ASN A 142 15.60 2.92 15.96
CA ASN A 142 15.10 4.13 16.61
C ASN A 142 13.59 4.11 16.48
N HIS A 143 12.92 4.60 17.52
CA HIS A 143 11.46 4.55 17.60
C HIS A 143 10.93 5.82 18.20
N ASP A 144 9.86 6.34 17.62
CA ASP A 144 9.12 7.47 18.20
C ASP A 144 7.68 7.02 18.27
N PHE A 145 7.22 6.73 19.49
CA PHE A 145 5.85 6.27 19.73
C PHE A 145 4.83 7.38 19.84
N HIS A 146 5.28 8.62 19.73
CA HIS A 146 4.38 9.76 19.89
C HIS A 146 4.12 10.53 18.64
N GLN A 147 5.09 10.64 17.76
CA GLN A 147 4.96 11.52 16.62
C GLN A 147 5.93 11.10 15.51
N THR A 148 5.80 11.79 14.39
CA THR A 148 6.63 11.55 13.22
C THR A 148 7.55 12.74 13.02
N PRO A 149 8.88 12.56 13.14
CA PRO A 149 9.82 13.62 12.81
C PRO A 149 9.73 14.04 11.33
N SER A 150 10.38 15.14 11.01
CA SER A 150 10.47 15.55 9.62
C SER A 150 11.20 14.48 8.79
N ALA A 151 10.93 14.46 7.50
CA ALA A 151 11.66 13.56 6.61
C ALA A 151 13.16 13.81 6.69
N GLU A 152 13.56 15.07 6.75
CA GLU A 152 14.97 15.43 6.84
C GLU A 152 15.61 14.79 8.10
N GLU A 153 14.92 14.89 9.23
CA GLU A 153 15.44 14.33 10.46
C GLU A 153 15.54 12.80 10.38
N MET A 154 14.54 12.18 9.78
CA MET A 154 14.56 10.72 9.68
C MET A 154 15.65 10.23 8.76
N VAL A 155 15.83 10.90 7.62
CA VAL A 155 16.89 10.51 6.68
C VAL A 155 18.25 10.69 7.37
N LEU A 156 18.45 11.79 8.08
CA LEU A 156 19.73 11.94 8.77
C LEU A 156 19.96 10.84 9.80
N ARG A 157 18.93 10.42 10.51
CA ARG A 157 19.07 9.34 11.49
C ARG A 157 19.47 8.02 10.81
N LEU A 158 18.83 7.69 9.70
CA LEU A 158 19.17 6.47 8.98
C LEU A 158 20.59 6.53 8.44
N ARG A 159 21.00 7.70 7.95
CA ARG A 159 22.38 7.89 7.49
C ARG A 159 23.37 7.74 8.66
N LYS A 160 23.02 8.27 9.83
CA LYS A 160 23.89 8.17 11.00
C LYS A 160 24.09 6.70 11.38
N MET A 161 22.99 5.93 11.35
CA MET A 161 23.08 4.51 11.64
C MET A 161 24.02 3.81 10.67
N GLN A 162 23.90 4.12 9.39
CA GLN A 162 24.83 3.57 8.40
CA GLN A 162 24.80 3.56 8.41
C GLN A 162 26.25 3.94 8.72
N ALA A 163 26.49 5.20 9.04
CA ALA A 163 27.85 5.65 9.34
C ALA A 163 28.44 4.96 10.56
N LEU A 164 27.60 4.61 11.53
CA LEU A 164 28.01 3.89 12.73
C LEU A 164 28.16 2.40 12.54
N GLY A 165 27.91 1.89 11.33
CA GLY A 165 28.17 0.50 11.02
C GLY A 165 26.97 -0.42 11.11
N ALA A 166 25.76 0.13 11.24
CA ALA A 166 24.57 -0.71 11.22
C ALA A 166 24.56 -1.57 9.96
N ASP A 167 24.24 -2.85 10.10
CA ASP A 167 24.00 -3.64 8.89
C ASP A 167 22.65 -3.31 8.28
N ILE A 168 21.67 -3.01 9.13
CA ILE A 168 20.31 -2.65 8.72
C ILE A 168 19.81 -1.52 9.62
N PRO A 169 19.87 -0.28 9.14
CA PRO A 169 19.18 0.83 9.84
C PRO A 169 17.68 0.60 9.90
N LYS A 170 17.06 0.97 11.03
CA LYS A 170 15.63 0.77 11.20
CA LYS A 170 15.63 0.76 11.21
C LYS A 170 15.01 1.92 11.97
N ILE A 171 13.89 2.44 11.46
CA ILE A 171 13.15 3.48 12.17
C ILE A 171 11.66 3.18 12.14
N ALA A 172 11.01 3.37 13.30
CA ALA A 172 9.57 3.25 13.45
C ALA A 172 9.04 4.52 14.08
N VAL A 173 8.01 5.08 13.49
CA VAL A 173 7.45 6.35 13.94
C VAL A 173 5.94 6.29 13.98
N MET A 174 5.35 7.15 14.81
CA MET A 174 3.90 7.15 15.03
C MET A 174 3.29 8.32 14.26
N PRO A 175 2.38 8.00 13.32
CA PRO A 175 1.68 9.09 12.65
C PRO A 175 0.62 9.72 13.53
N GLN A 176 0.52 11.04 13.44
CA GLN A 176 -0.59 11.77 14.04
C GLN A 176 -1.59 12.24 12.98
N SER A 177 -1.34 11.88 11.72
CA SER A 177 -2.17 12.28 10.58
C SER A 177 -1.79 11.36 9.43
N LYS A 178 -2.63 11.34 8.41
CA LYS A 178 -2.29 10.62 7.19
C LYS A 178 -1.07 11.26 6.49
N HIS A 179 -0.96 12.57 6.58
CA HIS A 179 0.20 13.26 6.04
C HIS A 179 1.50 12.70 6.60
N ASP A 180 1.52 12.42 7.89
CA ASP A 180 2.71 11.85 8.53
C ASP A 180 3.09 10.50 7.95
N VAL A 181 2.12 9.72 7.47
CA VAL A 181 2.44 8.46 6.83
C VAL A 181 3.21 8.71 5.54
N LEU A 182 2.75 9.69 4.75
CA LEU A 182 3.46 10.07 3.54
C LEU A 182 4.86 10.58 3.84
N THR A 183 5.03 11.32 4.93
CA THR A 183 6.37 11.79 5.31
C THR A 183 7.31 10.60 5.55
N LEU A 184 6.85 9.58 6.25
CA LEU A 184 7.65 8.38 6.48
C LEU A 184 7.99 7.69 5.16
N LEU A 185 7.02 7.56 4.26
CA LEU A 185 7.30 6.94 2.96
C LEU A 185 8.31 7.76 2.16
N THR A 186 8.18 9.08 2.21
CA THR A 186 9.10 9.98 1.51
C THR A 186 10.52 9.80 2.02
N ALA A 187 10.67 9.76 3.33
CA ALA A 187 11.99 9.59 3.93
C ALA A 187 12.59 8.24 3.55
N THR A 188 11.76 7.20 3.57
CA THR A 188 12.21 5.86 3.24
C THR A 188 12.76 5.83 1.81
N LEU A 189 11.98 6.41 0.89
CA LEU A 189 12.35 6.39 -0.51
C LEU A 189 13.61 7.22 -0.73
N GLU A 190 13.72 8.37 -0.09
CA GLU A 190 14.91 9.20 -0.26
C GLU A 190 16.15 8.46 0.22
N MET A 191 16.03 7.82 1.40
CA MET A 191 17.17 7.09 1.94
C MET A 191 17.57 5.96 1.01
N GLN A 192 16.60 5.15 0.64
CA GLN A 192 16.86 3.97 -0.15
C GLN A 192 17.46 4.33 -1.51
N GLN A 193 16.92 5.37 -2.15
CA GLN A 193 17.34 5.70 -3.50
C GLN A 193 18.62 6.52 -3.57
N HIS A 194 18.88 7.36 -2.57
CA HIS A 194 20.00 8.27 -2.68
C HIS A 194 21.16 8.06 -1.73
N TYR A 195 20.94 7.53 -0.54
CA TYR A 195 22.03 7.39 0.43
C TYR A 195 22.37 5.97 0.87
N ALA A 196 21.40 5.08 0.86
CA ALA A 196 21.62 3.77 1.43
C ALA A 196 22.59 2.95 0.58
N ASP A 197 23.47 2.21 1.23
CA ASP A 197 24.24 1.17 0.57
C ASP A 197 24.01 -0.21 1.17
N ARG A 198 22.92 -0.33 1.92
CA ARG A 198 22.56 -1.54 2.62
C ARG A 198 21.05 -1.49 2.85
N PRO A 199 20.46 -2.60 3.30
CA PRO A 199 19.01 -2.61 3.52
C PRO A 199 18.61 -1.68 4.65
N VAL A 200 17.42 -1.09 4.54
CA VAL A 200 16.83 -0.32 5.65
CA VAL A 200 16.83 -0.30 5.62
C VAL A 200 15.43 -0.84 5.89
N ILE A 201 14.98 -0.72 7.14
CA ILE A 201 13.63 -1.11 7.52
C ILE A 201 12.96 0.14 8.07
N THR A 202 11.74 0.45 7.61
CA THR A 202 10.99 1.55 8.17
C THR A 202 9.54 1.18 8.32
N MET A 203 8.87 1.90 9.22
CA MET A 203 7.43 1.72 9.38
CA MET A 203 7.43 1.74 9.37
C MET A 203 6.84 2.95 10.04
N SER A 204 5.63 3.28 9.59
CA SER A 204 4.72 4.18 10.26
C SER A 204 3.72 3.29 11.00
N MET A 205 3.59 3.50 12.30
CA MET A 205 2.78 2.62 13.16
C MET A 205 1.28 2.90 13.03
N ALA A 206 0.52 2.05 13.72
CA ALA A 206 -0.93 2.15 13.89
C ALA A 206 -1.68 1.83 12.60
N LYS A 207 -2.99 1.72 12.69
CA LYS A 207 -3.80 1.44 11.51
C LYS A 207 -3.54 2.49 10.42
N GLU A 208 -3.42 3.74 10.80
CA GLU A 208 -3.15 4.82 9.87
C GLU A 208 -1.90 4.57 8.99
N GLY A 209 -0.88 4.00 9.63
CA GLY A 209 0.39 3.73 8.96
C GLY A 209 0.51 2.39 8.24
N VAL A 210 -0.52 1.55 8.29
CA VAL A 210 -0.34 0.17 7.86
CA VAL A 210 -0.42 0.15 7.82
C VAL A 210 0.13 0.05 6.41
N ILE A 211 -0.24 0.99 5.54
CA ILE A 211 0.26 0.92 4.17
C ILE A 211 1.79 0.84 4.12
N SER A 212 2.46 1.48 5.09
CA SER A 212 3.93 1.44 5.13
C SER A 212 4.48 0.05 5.40
N ARG A 213 3.69 -0.81 6.03
CA ARG A 213 4.05 -2.19 6.32
C ARG A 213 3.83 -3.09 5.11
N LEU A 214 3.06 -2.61 4.14
CA LEU A 214 2.68 -3.38 2.96
C LEU A 214 3.47 -3.01 1.71
N ALA A 215 3.94 -1.76 1.64
CA ALA A 215 4.48 -1.21 0.42
C ALA A 215 5.99 -1.09 0.44
N GLY A 216 6.67 -1.90 1.23
CA GLY A 216 8.11 -1.82 1.30
C GLY A 216 8.85 -2.11 0.02
N GLU A 217 8.30 -2.97 -0.82
CA GLU A 217 8.98 -3.25 -2.08
C GLU A 217 9.03 -2.02 -3.00
N VAL A 218 8.01 -1.16 -2.89
CA VAL A 218 7.90 0.05 -3.68
C VAL A 218 8.78 1.14 -3.10
N PHE A 219 8.63 1.43 -1.82
CA PHE A 219 9.25 2.60 -1.24
C PHE A 219 10.57 2.39 -0.52
N GLY A 220 10.98 1.15 -0.36
CA GLY A 220 12.35 0.84 0.01
C GLY A 220 12.59 0.30 1.39
N SER A 221 11.61 -0.33 2.01
CA SER A 221 11.80 -1.01 3.28
C SER A 221 11.99 -2.49 3.03
N ALA A 222 13.06 -3.05 3.57
CA ALA A 222 13.50 -4.42 3.24
C ALA A 222 12.82 -5.50 4.06
N ALA A 223 12.12 -5.10 5.12
CA ALA A 223 11.45 -6.10 5.98
C ALA A 223 10.26 -5.43 6.64
N THR A 224 9.36 -6.27 7.14
CA THR A 224 8.10 -5.82 7.69
C THR A 224 7.64 -6.84 8.72
N PHE A 225 7.03 -6.34 9.78
CA PHE A 225 6.56 -7.17 10.88
C PHE A 225 5.08 -7.50 10.72
N GLY A 226 4.77 -8.76 10.95
CA GLY A 226 3.39 -9.23 11.06
C GLY A 226 3.12 -9.83 12.42
N ALA A 227 1.84 -10.03 12.69
CA ALA A 227 1.38 -10.60 13.95
C ALA A 227 0.95 -12.04 13.75
N VAL A 228 1.46 -12.96 14.56
CA VAL A 228 0.99 -14.34 14.51
C VAL A 228 -0.40 -14.44 15.15
N LYS A 229 -0.47 -14.08 16.42
CA LYS A 229 -1.75 -13.90 17.13
C LYS A 229 -1.86 -12.58 17.88
N GLN A 230 -0.76 -12.08 18.43
CA GLN A 230 -0.71 -10.80 19.12
C GLN A 230 0.33 -9.93 18.45
N ALA A 231 -0.03 -8.67 18.21
CA ALA A 231 0.91 -7.72 17.62
C ALA A 231 1.98 -7.36 18.64
N SER A 232 3.21 -7.17 18.16
CA SER A 232 4.29 -6.65 18.99
C SER A 232 4.48 -5.15 18.87
N ALA A 233 3.68 -4.50 18.01
CA ALA A 233 3.62 -3.05 17.94
C ALA A 233 2.34 -2.67 17.23
N PRO A 234 1.83 -1.47 17.48
CA PRO A 234 0.60 -1.06 16.84
C PRO A 234 0.69 -1.02 15.31
N GLY A 235 -0.31 -1.57 14.65
CA GLY A 235 -0.42 -1.53 13.20
C GLY A 235 -0.10 -2.81 12.50
N GLN A 236 0.61 -3.74 13.16
CA GLN A 236 0.89 -5.02 12.52
C GLN A 236 -0.41 -5.74 12.24
N ILE A 237 -0.47 -6.40 11.08
CA ILE A 237 -1.63 -7.20 10.71
C ILE A 237 -1.28 -8.67 10.73
N ALA A 238 -2.31 -9.49 10.63
CA ALA A 238 -2.16 -10.93 10.59
C ALA A 238 -1.13 -11.34 9.57
N VAL A 239 -0.18 -12.18 9.99
CA VAL A 239 0.97 -12.46 9.16
C VAL A 239 0.62 -13.08 7.81
N ASN A 240 -0.42 -13.93 7.76
CA ASN A 240 -0.79 -14.50 6.48
C ASN A 240 -1.35 -13.46 5.50
N ASP A 241 -2.09 -12.49 6.05
CA ASP A 241 -2.60 -11.41 5.22
C ASP A 241 -1.48 -10.50 4.74
N LEU A 242 -0.51 -10.24 5.61
CA LEU A 242 0.68 -9.52 5.20
C LEU A 242 1.35 -10.22 4.03
N ARG A 243 1.57 -11.51 4.15
CA ARG A 243 2.21 -12.26 3.09
C ARG A 243 1.40 -12.19 1.79
N SER A 244 0.09 -12.32 1.89
CA SER A 244 -0.76 -12.23 0.69
C SER A 244 -0.55 -10.92 -0.07
N VAL A 245 -0.51 -9.82 0.67
CA VAL A 245 -0.34 -8.51 0.03
C VAL A 245 1.07 -8.40 -0.57
N LEU A 246 2.09 -8.80 0.18
CA LEU A 246 3.45 -8.73 -0.34
C LEU A 246 3.57 -9.49 -1.64
N MET A 247 2.97 -10.67 -1.72
CA MET A 247 3.05 -11.48 -2.93
CA MET A 247 3.05 -11.48 -2.93
C MET A 247 2.37 -10.82 -4.11
N ILE A 248 1.19 -10.25 -3.87
CA ILE A 248 0.46 -9.57 -4.93
C ILE A 248 1.26 -8.38 -5.47
N LEU A 249 1.82 -7.58 -4.57
CA LEU A 249 2.64 -6.45 -5.00
CA LEU A 249 2.63 -6.44 -4.99
C LEU A 249 3.90 -6.90 -5.73
N HIS A 250 4.52 -7.97 -5.28
CA HIS A 250 5.74 -8.45 -5.90
C HIS A 250 5.51 -8.91 -7.33
N ASN A 251 4.35 -9.54 -7.56
CA ASN A 251 4.02 -10.10 -8.87
C ASN A 251 3.19 -9.20 -9.77
N ALA A 252 2.93 -7.96 -9.36
CA ALA A 252 2.09 -7.04 -10.11
C ALA A 252 2.72 -6.69 -11.45
N MET B 1 -19.33 15.94 2.33
CA MET B 1 -19.16 14.94 1.23
C MET B 1 -20.51 14.56 0.67
N LYS B 2 -20.71 14.78 -0.62
CA LYS B 2 -21.95 14.38 -1.29
C LYS B 2 -21.64 13.07 -1.99
N THR B 3 -22.02 11.96 -1.35
CA THR B 3 -21.75 10.64 -1.90
C THR B 3 -22.63 10.41 -3.12
N VAL B 4 -22.29 9.38 -3.88
CA VAL B 4 -23.03 9.02 -5.07
C VAL B 4 -23.52 7.61 -4.85
N THR B 5 -24.85 7.46 -4.76
CA THR B 5 -25.45 6.15 -4.57
C THR B 5 -26.07 5.69 -5.89
N VAL B 6 -25.60 4.55 -6.38
CA VAL B 6 -26.08 3.98 -7.65
CA VAL B 6 -26.07 4.00 -7.64
C VAL B 6 -26.42 2.54 -7.38
N LYS B 7 -27.70 2.18 -7.60
CA LYS B 7 -28.17 0.81 -7.37
C LYS B 7 -27.67 0.25 -6.03
N ASN B 8 -27.86 1.05 -5.00
CA ASN B 8 -27.51 0.72 -3.61
C ASN B 8 -26.02 0.69 -3.25
N LEU B 9 -25.17 1.05 -4.20
CA LEU B 9 -23.72 1.14 -3.96
C LEU B 9 -23.42 2.57 -3.57
N ILE B 10 -22.81 2.79 -2.40
CA ILE B 10 -22.48 4.14 -1.94
C ILE B 10 -21.03 4.44 -2.29
N ILE B 11 -20.82 5.27 -3.31
CA ILE B 11 -19.49 5.65 -3.72
C ILE B 11 -19.08 6.88 -2.88
N GLY B 12 -17.92 6.74 -2.23
CA GLY B 12 -17.45 7.73 -1.28
C GLY B 12 -17.47 7.31 0.16
N GLU B 13 -17.90 6.09 0.46
CA GLU B 13 -17.86 5.52 1.81
C GLU B 13 -17.22 4.13 1.74
N GLY B 14 -16.67 3.69 2.86
CA GLY B 14 -16.16 2.35 2.97
C GLY B 14 -14.99 2.06 2.05
N MET B 15 -14.90 0.81 1.60
CA MET B 15 -13.83 0.40 0.72
C MET B 15 -13.97 1.07 -0.62
N PRO B 16 -12.86 1.40 -1.29
CA PRO B 16 -12.95 1.86 -2.67
C PRO B 16 -13.72 0.84 -3.52
N LYS B 17 -14.52 1.35 -4.43
CA LYS B 17 -15.33 0.49 -5.28
C LYS B 17 -14.50 -0.01 -6.45
N ILE B 18 -14.68 -1.28 -6.77
CA ILE B 18 -13.94 -1.93 -7.83
C ILE B 18 -14.66 -1.75 -9.16
N ILE B 19 -13.96 -1.18 -10.12
CA ILE B 19 -14.48 -1.00 -11.47
C ILE B 19 -13.68 -1.92 -12.38
N VAL B 20 -14.37 -2.58 -13.29
CA VAL B 20 -13.70 -3.31 -14.38
C VAL B 20 -14.22 -2.78 -15.70
N SER B 21 -13.38 -2.84 -16.74
CA SER B 21 -13.76 -2.36 -18.06
C SER B 21 -14.05 -3.51 -18.99
N LEU B 22 -15.18 -3.40 -19.70
CA LEU B 22 -15.54 -4.30 -20.79
C LEU B 22 -15.07 -3.69 -22.08
N MET B 23 -14.33 -4.48 -22.85
CA MET B 23 -13.73 -4.07 -24.12
C MET B 23 -14.12 -5.16 -25.13
N GLY B 24 -15.00 -4.80 -26.03
CA GLY B 24 -15.38 -5.66 -27.12
C GLY B 24 -15.41 -4.85 -28.39
N ARG B 25 -14.99 -5.50 -29.47
CA ARG B 25 -14.83 -4.80 -30.74
C ARG B 25 -16.12 -4.72 -31.52
N ASP B 26 -17.07 -5.61 -31.27
CA ASP B 26 -18.31 -5.66 -32.02
C ASP B 26 -19.40 -6.20 -31.12
N ILE B 27 -20.61 -6.24 -31.62
CA ILE B 27 -21.73 -6.67 -30.81
C ILE B 27 -21.55 -8.08 -30.25
N ASN B 28 -21.10 -9.01 -31.09
CA ASN B 28 -20.96 -10.39 -30.62
C ASN B 28 -19.94 -10.50 -29.51
N SER B 29 -18.81 -9.79 -29.65
CA SER B 29 -17.80 -9.85 -28.60
C SER B 29 -18.26 -9.11 -27.35
N VAL B 30 -18.97 -7.99 -27.48
CA VAL B 30 -19.53 -7.33 -26.32
C VAL B 30 -20.48 -8.27 -25.57
N LYS B 31 -21.33 -8.99 -26.30
CA LYS B 31 -22.23 -9.93 -25.64
C LYS B 31 -21.46 -11.02 -24.91
N ALA B 32 -20.44 -11.58 -25.57
CA ALA B 32 -19.68 -12.66 -24.95
C ALA B 32 -18.96 -12.17 -23.69
N GLU B 33 -18.39 -10.96 -23.76
CA GLU B 33 -17.70 -10.42 -22.59
C GLU B 33 -18.69 -10.14 -21.48
N ALA B 34 -19.85 -9.57 -21.79
CA ALA B 34 -20.83 -9.28 -20.74
C ALA B 34 -21.22 -10.55 -20.02
N LEU B 35 -21.46 -11.61 -20.78
CA LEU B 35 -21.83 -12.87 -20.17
C LEU B 35 -20.70 -13.41 -19.27
N ALA B 36 -19.48 -13.37 -19.79
CA ALA B 36 -18.35 -13.89 -19.04
C ALA B 36 -18.07 -13.07 -17.77
N TYR B 37 -18.32 -11.76 -17.83
CA TYR B 37 -18.02 -10.89 -16.69
C TYR B 37 -18.97 -11.13 -15.51
N ARG B 38 -20.10 -11.79 -15.73
CA ARG B 38 -21.10 -11.95 -14.67
C ARG B 38 -20.54 -12.68 -13.46
N GLU B 39 -19.60 -13.61 -13.71
CA GLU B 39 -19.06 -14.39 -12.61
C GLU B 39 -17.85 -13.75 -11.96
N ALA B 40 -17.33 -12.63 -12.48
CA ALA B 40 -16.27 -11.88 -11.76
C ALA B 40 -16.94 -11.07 -10.68
N THR B 41 -16.17 -10.66 -9.66
CA THR B 41 -16.72 -9.87 -8.56
C THR B 41 -16.14 -8.45 -8.59
N PHE B 42 -17.03 -7.48 -8.72
CA PHE B 42 -16.70 -6.08 -8.84
C PHE B 42 -17.95 -5.27 -8.54
N ASP B 43 -17.75 -3.98 -8.37
CA ASP B 43 -18.84 -3.08 -7.98
C ASP B 43 -19.49 -2.32 -9.12
N ILE B 44 -18.70 -1.91 -10.13
CA ILE B 44 -19.16 -1.07 -11.22
C ILE B 44 -18.58 -1.64 -12.51
N LEU B 45 -19.41 -1.71 -13.55
CA LEU B 45 -18.96 -2.11 -14.88
CA LEU B 45 -18.96 -2.10 -14.88
C LEU B 45 -18.80 -0.86 -15.72
N GLU B 46 -17.59 -0.65 -16.25
CA GLU B 46 -17.34 0.39 -17.25
C GLU B 46 -17.34 -0.24 -18.63
N TRP B 47 -18.15 0.27 -19.53
CA TRP B 47 -18.03 -0.09 -20.93
C TRP B 47 -17.10 0.89 -21.61
N ARG B 48 -15.94 0.39 -22.07
CA ARG B 48 -15.01 1.21 -22.86
C ARG B 48 -15.43 1.25 -24.32
N VAL B 49 -16.24 2.26 -24.60
CA VAL B 49 -16.88 2.44 -25.89
C VAL B 49 -15.85 2.68 -26.99
N ASP B 50 -14.72 3.29 -26.65
CA ASP B 50 -13.70 3.56 -27.67
C ASP B 50 -13.04 2.29 -28.20
N HIS B 51 -13.17 1.16 -27.50
CA HIS B 51 -12.71 -0.12 -28.03
C HIS B 51 -13.70 -0.75 -29.03
N PHE B 52 -14.92 -0.22 -29.12
CA PHE B 52 -15.94 -0.73 -30.01
C PHE B 52 -15.71 -0.17 -31.40
N MET B 53 -15.72 -1.06 -32.39
CA MET B 53 -15.33 -0.67 -33.75
C MET B 53 -16.54 -0.35 -34.62
N ASP B 54 -17.73 -0.26 -34.05
CA ASP B 54 -18.94 0.16 -34.73
CA ASP B 54 -18.87 0.26 -34.81
C ASP B 54 -19.50 1.45 -34.10
N ILE B 55 -18.63 2.30 -33.55
CA ILE B 55 -19.05 3.57 -33.00
CA ILE B 55 -19.03 3.58 -32.97
C ILE B 55 -19.63 4.51 -34.04
N ALA B 56 -19.42 4.22 -35.33
CA ALA B 56 -20.02 5.01 -36.38
C ALA B 56 -21.54 5.04 -36.33
N SER B 57 -22.15 3.98 -35.80
CA SER B 57 -23.59 3.85 -35.73
C SER B 57 -24.11 4.03 -34.32
N THR B 58 -24.92 5.05 -34.11
CA THR B 58 -25.54 5.25 -32.80
C THR B 58 -26.39 4.05 -32.41
N GLN B 59 -27.09 3.47 -33.38
CA GLN B 59 -27.87 2.27 -33.13
C GLN B 59 -26.99 1.13 -32.62
N SER B 60 -25.85 0.92 -33.29
CA SER B 60 -24.97 -0.14 -32.85
C SER B 60 -24.47 0.05 -31.45
N VAL B 61 -24.11 1.29 -31.11
CA VAL B 61 -23.63 1.60 -29.77
C VAL B 61 -24.71 1.36 -28.72
N LEU B 62 -25.92 1.83 -28.99
CA LEU B 62 -27.00 1.64 -28.02
C LEU B 62 -27.41 0.19 -27.89
N THR B 63 -27.37 -0.56 -28.99
CA THR B 63 -27.68 -1.98 -28.91
C THR B 63 -26.65 -2.71 -28.06
N ALA B 64 -25.38 -2.36 -28.21
CA ALA B 64 -24.33 -2.95 -27.36
C ALA B 64 -24.54 -2.57 -25.89
N ALA B 65 -24.88 -1.32 -25.60
CA ALA B 65 -25.18 -0.95 -24.23
C ALA B 65 -26.34 -1.77 -23.67
N ARG B 66 -27.38 -1.97 -24.49
CA ARG B 66 -28.55 -2.76 -24.07
C ARG B 66 -28.15 -4.22 -23.79
N VAL B 67 -27.29 -4.80 -24.62
CA VAL B 67 -26.82 -6.16 -24.36
C VAL B 67 -26.11 -6.24 -23.00
N ILE B 68 -25.30 -5.25 -22.69
CA ILE B 68 -24.61 -5.24 -21.40
C ILE B 68 -25.62 -5.12 -20.24
N ARG B 69 -26.53 -4.15 -20.37
CA ARG B 69 -27.55 -3.95 -19.36
C ARG B 69 -28.40 -5.20 -19.17
N ASP B 70 -28.75 -5.89 -20.24
CA ASP B 70 -29.55 -7.12 -20.12
C ASP B 70 -28.80 -8.26 -19.41
N ALA B 71 -27.48 -8.33 -19.61
CA ALA B 71 -26.67 -9.31 -18.92
C ALA B 71 -26.48 -9.00 -17.45
N MET B 72 -26.43 -7.73 -17.09
CA MET B 72 -26.10 -7.26 -15.74
C MET B 72 -27.11 -6.19 -15.29
N PRO B 73 -28.36 -6.60 -15.08
CA PRO B 73 -29.41 -5.61 -14.80
C PRO B 73 -29.24 -4.84 -13.48
N ASP B 74 -28.50 -5.40 -12.54
CA ASP B 74 -28.39 -4.80 -11.21
C ASP B 74 -27.03 -4.21 -10.92
N ILE B 75 -26.18 -4.09 -11.94
CA ILE B 75 -24.83 -3.54 -11.77
CA ILE B 75 -24.83 -3.54 -11.74
C ILE B 75 -24.83 -2.07 -12.17
N PRO B 76 -24.22 -1.20 -11.37
CA PRO B 76 -23.94 0.14 -11.85
C PRO B 76 -23.15 0.09 -13.16
N LEU B 77 -23.64 0.77 -14.18
CA LEU B 77 -23.05 0.75 -15.52
C LEU B 77 -22.59 2.15 -15.90
N LEU B 78 -21.29 2.24 -16.20
CA LEU B 78 -20.60 3.47 -16.56
C LEU B 78 -20.22 3.40 -18.04
N PHE B 79 -20.69 4.38 -18.81
CA PHE B 79 -20.42 4.50 -20.25
C PHE B 79 -19.23 5.43 -20.44
N THR B 80 -18.14 4.91 -21.00
CA THR B 80 -16.92 5.70 -21.19
C THR B 80 -16.39 5.60 -22.60
N PHE B 81 -16.43 6.70 -23.32
CA PHE B 81 -15.64 6.84 -24.54
C PHE B 81 -14.36 7.58 -24.12
N ARG B 82 -13.23 6.88 -24.07
CA ARG B 82 -11.95 7.49 -23.78
C ARG B 82 -11.37 7.98 -25.09
N SER B 83 -11.19 9.30 -25.20
CA SER B 83 -10.67 9.87 -26.44
C SER B 83 -9.24 9.46 -26.67
N ALA B 84 -8.87 9.36 -27.95
CA ALA B 84 -7.48 9.17 -28.29
C ALA B 84 -6.59 10.26 -27.65
N LYS B 85 -7.07 11.49 -27.62
CA LYS B 85 -6.35 12.59 -26.97
C LYS B 85 -5.89 12.21 -25.55
N GLU B 86 -6.73 11.47 -24.83
CA GLU B 86 -6.49 11.06 -23.44
C GLU B 86 -6.23 9.58 -23.26
N GLY B 87 -5.65 8.96 -24.28
CA GLY B 87 -5.16 7.61 -24.14
C GLY B 87 -6.05 6.50 -24.67
N GLY B 88 -7.18 6.85 -25.29
CA GLY B 88 -8.11 5.87 -25.81
C GLY B 88 -7.75 5.33 -27.17
N GLU B 89 -8.63 4.51 -27.73
CA GLU B 89 -8.28 3.68 -28.88
C GLU B 89 -8.53 4.28 -30.24
N GLN B 90 -9.34 5.34 -30.33
CA GLN B 90 -9.62 5.95 -31.62
CA GLN B 90 -9.65 5.95 -31.63
C GLN B 90 -10.04 7.41 -31.42
N THR B 91 -9.95 8.14 -32.53
CA THR B 91 -10.29 9.54 -32.57
C THR B 91 -11.65 9.67 -33.24
N ILE B 92 -12.54 10.45 -32.61
CA ILE B 92 -13.80 10.86 -33.22
C ILE B 92 -13.96 12.36 -33.03
N THR B 93 -14.85 12.95 -33.79
CA THR B 93 -15.08 14.38 -33.63
C THR B 93 -15.71 14.70 -32.27
N THR B 94 -15.55 15.92 -31.82
CA THR B 94 -16.17 16.36 -30.59
C THR B 94 -17.68 16.22 -30.66
N GLN B 95 -18.30 16.58 -31.78
CA GLN B 95 -19.74 16.45 -31.89
CA GLN B 95 -19.74 16.44 -31.87
C GLN B 95 -20.16 14.99 -31.85
N HIS B 96 -19.38 14.09 -32.44
CA HIS B 96 -19.68 12.67 -32.37
C HIS B 96 -19.60 12.16 -30.91
N TYR B 97 -18.54 12.56 -30.20
CA TYR B 97 -18.38 12.22 -28.80
C TYR B 97 -19.59 12.69 -27.97
N LEU B 98 -19.98 13.94 -28.17
CA LEU B 98 -21.10 14.49 -27.40
C LEU B 98 -22.41 13.79 -27.76
N THR B 99 -22.61 13.47 -29.04
CA THR B 99 -23.84 12.80 -29.45
C THR B 99 -23.92 11.42 -28.82
N LEU B 100 -22.83 10.67 -28.83
CA LEU B 100 -22.86 9.34 -28.21
C LEU B 100 -23.18 9.43 -26.73
N ASN B 101 -22.56 10.37 -26.02
CA ASN B 101 -22.84 10.54 -24.60
C ASN B 101 -24.27 10.97 -24.33
N ARG B 102 -24.80 11.89 -25.12
CA ARG B 102 -26.20 12.31 -24.94
C ARG B 102 -27.14 11.13 -25.19
N ALA B 103 -26.88 10.35 -26.23
CA ALA B 103 -27.71 9.19 -26.53
C ALA B 103 -27.63 8.16 -25.39
N ALA B 104 -26.44 7.95 -24.87
CA ALA B 104 -26.32 7.06 -23.71
C ALA B 104 -27.14 7.57 -22.52
N ILE B 105 -27.03 8.87 -22.25
CA ILE B 105 -27.75 9.49 -21.16
C ILE B 105 -29.26 9.29 -21.28
N ASP B 106 -29.82 9.61 -22.45
CA ASP B 106 -31.26 9.65 -22.56
C ASP B 106 -31.88 8.29 -22.87
N SER B 107 -31.04 7.28 -23.09
CA SER B 107 -31.52 5.93 -23.32
C SER B 107 -32.01 5.25 -22.06
N GLY B 108 -31.57 5.71 -20.90
CA GLY B 108 -31.85 5.03 -19.64
C GLY B 108 -31.07 3.75 -19.41
N LEU B 109 -30.19 3.37 -20.32
CA LEU B 109 -29.46 2.11 -20.22
C LEU B 109 -28.28 2.17 -19.26
N VAL B 110 -27.77 3.37 -18.97
CA VAL B 110 -26.58 3.49 -18.14
C VAL B 110 -26.83 4.38 -16.94
N ASP B 111 -26.10 4.11 -15.87
CA ASP B 111 -26.22 4.87 -14.64
C ASP B 111 -25.29 6.06 -14.57
N MET B 112 -24.18 5.98 -15.29
CA MET B 112 -23.12 6.97 -15.19
CA MET B 112 -23.13 6.98 -15.22
C MET B 112 -22.50 7.13 -16.58
N ILE B 113 -21.96 8.32 -16.84
CA ILE B 113 -21.11 8.54 -18.00
C ILE B 113 -19.80 9.16 -17.58
N ASP B 114 -18.76 8.93 -18.37
CA ASP B 114 -17.49 9.60 -18.22
C ASP B 114 -17.46 10.78 -19.18
N LEU B 115 -17.09 11.95 -18.67
CA LEU B 115 -16.92 13.14 -19.49
CA LEU B 115 -16.88 13.13 -19.54
C LEU B 115 -15.52 13.70 -19.26
N GLU B 116 -14.73 13.90 -20.30
CA GLU B 116 -13.39 14.43 -20.12
C GLU B 116 -13.43 15.94 -19.89
N LEU B 117 -12.81 16.37 -18.80
CA LEU B 117 -12.75 17.78 -18.38
C LEU B 117 -12.39 18.72 -19.52
N PHE B 118 -11.34 18.37 -20.27
CA PHE B 118 -10.80 19.31 -21.25
C PHE B 118 -11.45 19.18 -22.61
N THR B 119 -12.65 18.61 -22.66
CA THR B 119 -13.48 18.64 -23.86
C THR B 119 -13.84 20.07 -24.27
N GLY B 120 -13.96 20.95 -23.29
CA GLY B 120 -14.32 22.35 -23.48
C GLY B 120 -15.39 22.72 -22.48
N ASP B 121 -15.25 23.86 -21.82
CA ASP B 121 -16.08 24.15 -20.65
C ASP B 121 -17.57 24.22 -20.98
N ALA B 122 -17.94 24.90 -22.05
CA ALA B 122 -19.35 25.04 -22.41
C ALA B 122 -19.96 23.68 -22.72
N ASP B 123 -19.27 22.87 -23.50
CA ASP B 123 -19.77 21.54 -23.85
C ASP B 123 -19.85 20.63 -22.64
N VAL B 124 -18.86 20.71 -21.75
CA VAL B 124 -18.90 19.92 -20.53
C VAL B 124 -20.09 20.33 -19.66
N LYS B 125 -20.26 21.61 -19.40
CA LYS B 125 -21.39 22.07 -18.59
C LYS B 125 -22.72 21.62 -19.20
N ALA B 126 -22.87 21.78 -20.51
CA ALA B 126 -24.14 21.41 -21.13
C ALA B 126 -24.41 19.91 -20.97
N THR B 127 -23.36 19.10 -21.12
CA THR B 127 -23.54 17.66 -21.06
C THR B 127 -23.76 17.19 -19.62
N VAL B 128 -23.10 17.81 -18.64
CA VAL B 128 -23.37 17.54 -17.25
C VAL B 128 -24.83 17.85 -16.93
N ASP B 129 -25.31 19.00 -17.37
CA ASP B 129 -26.70 19.38 -17.11
C ASP B 129 -27.66 18.36 -17.75
N TYR B 130 -27.36 17.92 -18.95
CA TYR B 130 -28.19 16.93 -19.62
C TYR B 130 -28.18 15.60 -18.86
N ALA B 131 -27.03 15.15 -18.42
CA ALA B 131 -26.95 13.96 -17.58
C ALA B 131 -27.84 14.07 -16.36
N HIS B 132 -27.71 15.18 -15.64
CA HIS B 132 -28.47 15.36 -14.43
C HIS B 132 -29.97 15.45 -14.69
N ALA B 133 -30.37 16.02 -15.82
CA ALA B 133 -31.78 16.08 -16.20
C ALA B 133 -32.38 14.69 -16.40
N HIS B 134 -31.54 13.70 -16.69
CA HIS B 134 -31.96 12.32 -16.95
C HIS B 134 -31.48 11.36 -15.89
N ASN B 135 -31.14 11.85 -14.70
CA ASN B 135 -30.74 10.99 -13.59
C ASN B 135 -29.55 10.10 -13.91
N VAL B 136 -28.55 10.68 -14.56
CA VAL B 136 -27.29 10.02 -14.86
C VAL B 136 -26.17 10.80 -14.14
N TYR B 137 -25.31 10.07 -13.45
CA TYR B 137 -24.16 10.69 -12.78
C TYR B 137 -22.98 10.82 -13.73
N VAL B 138 -22.15 11.84 -13.46
CA VAL B 138 -20.98 12.11 -14.28
C VAL B 138 -19.69 11.88 -13.52
N VAL B 139 -18.89 10.96 -14.06
CA VAL B 139 -17.49 10.83 -13.69
C VAL B 139 -16.74 11.75 -14.64
N MET B 140 -16.22 12.86 -14.13
CA MET B 140 -15.50 13.80 -14.98
C MET B 140 -14.03 13.45 -14.87
N SER B 141 -13.31 13.42 -16.00
CA SER B 141 -12.01 12.77 -16.00
C SER B 141 -10.92 13.56 -16.67
N ASN B 142 -9.69 13.23 -16.31
CA ASN B 142 -8.49 13.81 -16.91
C ASN B 142 -7.41 12.76 -16.81
N HIS B 143 -6.55 12.72 -17.82
CA HIS B 143 -5.50 11.72 -17.93
C HIS B 143 -4.23 12.37 -18.43
N ASP B 144 -3.10 12.02 -17.81
CA ASP B 144 -1.78 12.40 -18.30
C ASP B 144 -1.01 11.10 -18.48
N PHE B 145 -0.88 10.69 -19.74
CA PHE B 145 -0.17 9.46 -20.07
C PHE B 145 1.33 9.65 -20.23
N HIS B 146 1.81 10.88 -20.12
CA HIS B 146 3.24 11.15 -20.27
C HIS B 146 3.97 11.22 -18.96
N GLN B 147 3.37 11.89 -17.97
CA GLN B 147 4.05 12.12 -16.75
C GLN B 147 3.07 12.55 -15.67
N THR B 148 3.59 12.93 -14.50
CA THR B 148 2.79 13.30 -13.36
C THR B 148 2.87 14.81 -13.17
N PRO B 149 1.74 15.53 -13.32
CA PRO B 149 1.74 16.94 -13.01
C PRO B 149 2.08 17.17 -11.53
N SER B 150 2.35 18.41 -11.16
CA SER B 150 2.50 18.72 -9.75
C SER B 150 1.25 18.34 -8.95
N ALA B 151 1.44 18.04 -7.68
CA ALA B 151 0.29 17.75 -6.80
C ALA B 151 -0.72 18.90 -6.85
N GLU B 152 -0.16 20.11 -6.86
CA GLU B 152 -0.96 21.31 -6.87
C GLU B 152 -1.82 21.40 -8.12
N GLU B 153 -1.24 21.10 -9.28
CA GLU B 153 -2.00 21.15 -10.52
C GLU B 153 -3.05 20.05 -10.57
N MET B 154 -2.75 18.88 -10.00
CA MET B 154 -3.76 17.82 -9.97
C MET B 154 -4.96 18.22 -9.12
N VAL B 155 -4.70 18.80 -7.95
CA VAL B 155 -5.76 19.32 -7.11
C VAL B 155 -6.57 20.40 -7.83
N LEU B 156 -5.90 21.32 -8.53
CA LEU B 156 -6.58 22.36 -9.28
C LEU B 156 -7.59 21.73 -10.27
N ARG B 157 -7.15 20.69 -10.99
CA ARG B 157 -8.01 20.05 -11.97
C ARG B 157 -9.22 19.37 -11.33
N LEU B 158 -8.99 18.66 -10.23
CA LEU B 158 -10.09 18.01 -9.54
C LEU B 158 -11.10 19.03 -9.00
N ARG B 159 -10.59 20.15 -8.50
CA ARG B 159 -11.47 21.23 -8.07
C ARG B 159 -12.24 21.84 -9.24
N LYS B 160 -11.61 21.98 -10.40
CA LYS B 160 -12.31 22.50 -11.59
C LYS B 160 -13.47 21.56 -11.98
N MET B 161 -13.24 20.26 -11.88
CA MET B 161 -14.29 19.30 -12.16
C MET B 161 -15.47 19.48 -11.21
N GLN B 162 -15.17 19.68 -9.93
CA GLN B 162 -16.21 20.00 -8.96
C GLN B 162 -16.98 21.26 -9.36
N ALA B 163 -16.26 22.30 -9.75
CA ALA B 163 -16.90 23.55 -10.16
C ALA B 163 -17.82 23.38 -11.38
N LEU B 164 -17.47 22.47 -12.28
CA LEU B 164 -18.29 22.18 -13.46
C LEU B 164 -19.43 21.20 -13.21
N GLY B 165 -19.60 20.75 -11.97
CA GLY B 165 -20.73 19.92 -11.61
C GLY B 165 -20.50 18.41 -11.65
N ALA B 166 -19.25 17.98 -11.77
CA ALA B 166 -18.95 16.54 -11.73
C ALA B 166 -19.52 15.91 -10.48
N ASP B 167 -20.11 14.73 -10.61
CA ASP B 167 -20.46 13.96 -9.43
C ASP B 167 -19.22 13.33 -8.81
N ILE B 168 -18.30 12.85 -9.66
CA ILE B 168 -17.08 12.18 -9.22
C ILE B 168 -15.93 12.63 -10.13
N PRO B 169 -15.12 13.58 -9.65
CA PRO B 169 -13.87 13.89 -10.33
C PRO B 169 -12.91 12.71 -10.36
N LYS B 170 -12.17 12.58 -11.46
CA LYS B 170 -11.23 11.47 -11.62
CA LYS B 170 -11.23 11.48 -11.63
C LYS B 170 -9.99 11.94 -12.36
N ILE B 171 -8.82 11.54 -11.87
CA ILE B 171 -7.56 11.82 -12.56
C ILE B 171 -6.65 10.60 -12.53
N ALA B 172 -6.06 10.32 -13.68
CA ALA B 172 -5.07 9.26 -13.85
C ALA B 172 -3.81 9.85 -14.46
N VAL B 173 -2.67 9.55 -13.84
CA VAL B 173 -1.39 10.13 -14.28
C VAL B 173 -0.31 9.06 -14.35
N MET B 174 0.74 9.36 -15.11
CA MET B 174 1.80 8.39 -15.37
C MET B 174 3.03 8.71 -14.57
N PRO B 175 3.48 7.81 -13.68
CA PRO B 175 4.69 8.09 -12.93
C PRO B 175 5.92 7.85 -13.80
N GLN B 176 6.91 8.72 -13.65
CA GLN B 176 8.25 8.48 -14.21
C GLN B 176 9.22 7.99 -13.15
N SER B 177 8.77 7.91 -11.90
CA SER B 177 9.59 7.51 -10.76
C SER B 177 8.67 7.13 -9.64
N LYS B 178 9.23 6.47 -8.63
CA LYS B 178 8.48 6.19 -7.40
C LYS B 178 8.05 7.47 -6.70
N HIS B 179 8.89 8.50 -6.75
CA HIS B 179 8.54 9.78 -6.18
C HIS B 179 7.21 10.30 -6.73
N ASP B 180 7.04 10.15 -8.05
CA ASP B 180 5.81 10.60 -8.69
C ASP B 180 4.56 9.91 -8.15
N VAL B 181 4.70 8.67 -7.70
CA VAL B 181 3.58 7.97 -7.08
C VAL B 181 3.19 8.66 -5.79
N LEU B 182 4.18 9.02 -4.98
CA LEU B 182 3.89 9.78 -3.76
C LEU B 182 3.22 11.13 -4.07
N THR B 183 3.62 11.79 -5.17
CA THR B 183 2.96 13.02 -5.56
C THR B 183 1.46 12.81 -5.77
N LEU B 184 1.11 11.74 -6.48
CA LEU B 184 -0.30 11.43 -6.72
C LEU B 184 -1.03 11.14 -5.40
N LEU B 185 -0.41 10.38 -4.51
CA LEU B 185 -1.04 10.11 -3.21
C LEU B 185 -1.21 11.40 -2.40
N THR B 186 -0.24 12.29 -2.48
CA THR B 186 -0.31 13.59 -1.78
C THR B 186 -1.48 14.42 -2.28
N ALA B 187 -1.65 14.47 -3.60
CA ALA B 187 -2.79 15.20 -4.17
C ALA B 187 -4.12 14.60 -3.72
N THR B 188 -4.18 13.27 -3.71
CA THR B 188 -5.39 12.58 -3.29
C THR B 188 -5.76 12.94 -1.84
N LEU B 189 -4.77 12.90 -0.97
CA LEU B 189 -4.98 13.21 0.43
C LEU B 189 -5.38 14.68 0.61
N GLU B 190 -4.79 15.58 -0.14
CA GLU B 190 -5.19 16.97 -0.05
C GLU B 190 -6.67 17.16 -0.38
N MET B 191 -7.18 16.46 -1.36
CA MET B 191 -8.65 16.46 -1.60
C MET B 191 -9.43 15.93 -0.40
N GLN B 192 -9.01 14.82 0.17
CA GLN B 192 -9.70 14.24 1.33
C GLN B 192 -9.76 15.19 2.51
N GLN B 193 -8.66 15.87 2.77
CA GLN B 193 -8.51 16.72 3.94
C GLN B 193 -9.11 18.10 3.75
N HIS B 194 -9.06 18.65 2.53
CA HIS B 194 -9.35 20.06 2.32
C HIS B 194 -10.43 20.41 1.31
N TYR B 195 -10.77 19.48 0.41
CA TYR B 195 -11.68 19.71 -0.74
C TYR B 195 -12.59 18.47 -0.90
N ALA B 196 -13.21 18.07 0.21
CA ALA B 196 -13.91 16.79 0.32
C ALA B 196 -15.38 16.90 0.06
N ASP B 197 -15.78 17.67 -0.97
CA ASP B 197 -17.18 17.93 -1.26
CA ASP B 197 -17.20 17.85 -1.13
C ASP B 197 -17.83 16.81 -2.05
N ARG B 198 -17.02 16.00 -2.73
CA ARG B 198 -17.60 14.83 -3.35
CA ARG B 198 -17.47 14.98 -3.74
C ARG B 198 -16.50 13.80 -3.58
N PRO B 199 -16.91 12.57 -3.91
CA PRO B 199 -15.90 11.50 -4.01
C PRO B 199 -14.97 11.78 -5.20
N VAL B 200 -13.70 11.43 -5.05
CA VAL B 200 -12.74 11.54 -6.12
C VAL B 200 -12.09 10.21 -6.37
N ILE B 201 -11.71 9.96 -7.62
CA ILE B 201 -11.00 8.76 -8.01
C ILE B 201 -9.63 9.19 -8.52
N THR B 202 -8.57 8.57 -8.02
CA THR B 202 -7.23 8.92 -8.50
C THR B 202 -6.44 7.65 -8.72
N MET B 203 -5.47 7.73 -9.61
CA MET B 203 -4.55 6.61 -9.82
C MET B 203 -3.28 7.11 -10.48
N SER B 204 -2.18 6.50 -10.04
CA SER B 204 -0.89 6.55 -10.75
C SER B 204 -0.78 5.25 -11.52
N MET B 205 -0.55 5.36 -12.83
CA MET B 205 -0.54 4.21 -13.72
C MET B 205 0.77 3.42 -13.64
N ALA B 206 0.79 2.31 -14.37
CA ALA B 206 1.96 1.46 -14.58
C ALA B 206 2.36 0.68 -13.33
N LYS B 207 3.39 -0.15 -13.47
CA LYS B 207 3.80 -0.98 -12.35
C LYS B 207 4.16 -0.14 -11.13
N GLU B 208 4.92 0.94 -11.34
CA GLU B 208 5.34 1.75 -10.19
C GLU B 208 4.17 2.33 -9.45
N GLY B 209 3.08 2.63 -10.17
CA GLY B 209 1.93 3.22 -9.53
C GLY B 209 0.95 2.27 -8.91
N VAL B 210 1.19 0.96 -8.96
CA VAL B 210 0.20 -0.03 -8.53
CA VAL B 210 0.15 0.03 -8.55
C VAL B 210 -0.30 0.24 -7.10
N ILE B 211 0.62 0.65 -6.21
CA ILE B 211 0.19 0.86 -4.82
C ILE B 211 -0.94 1.89 -4.75
N SER B 212 -0.99 2.85 -5.68
CA SER B 212 -2.06 3.83 -5.68
C SER B 212 -3.43 3.23 -5.98
N ARG B 213 -3.45 2.10 -6.67
CA ARG B 213 -4.67 1.36 -6.99
C ARG B 213 -5.12 0.53 -5.79
N LEU B 214 -4.24 0.31 -4.81
CA LEU B 214 -4.52 -0.51 -3.65
C LEU B 214 -4.84 0.30 -2.40
N ALA B 215 -4.32 1.53 -2.31
CA ALA B 215 -4.36 2.33 -1.08
C ALA B 215 -5.41 3.43 -1.06
N GLY B 216 -6.46 3.26 -1.86
CA GLY B 216 -7.48 4.30 -1.94
C GLY B 216 -8.20 4.57 -0.64
N GLU B 217 -8.36 3.56 0.21
CA GLU B 217 -9.10 3.78 1.44
C GLU B 217 -8.34 4.71 2.37
N VAL B 218 -7.01 4.62 2.35
CA VAL B 218 -6.14 5.39 3.21
C VAL B 218 -6.14 6.86 2.82
N PHE B 219 -5.89 7.11 1.55
CA PHE B 219 -5.65 8.48 1.11
C PHE B 219 -6.83 9.16 0.46
N GLY B 220 -7.88 8.41 0.13
CA GLY B 220 -9.10 9.03 -0.35
C GLY B 220 -9.46 8.89 -1.80
N SER B 221 -9.14 7.76 -2.42
CA SER B 221 -9.65 7.46 -3.76
C SER B 221 -10.86 6.54 -3.60
N ALA B 222 -12.00 6.95 -4.20
CA ALA B 222 -13.27 6.30 -3.97
C ALA B 222 -13.49 5.06 -4.82
N ALA B 223 -12.64 4.82 -5.82
CA ALA B 223 -12.78 3.67 -6.68
C ALA B 223 -11.43 3.33 -7.29
N THR B 224 -11.35 2.11 -7.81
CA THR B 224 -10.11 1.58 -8.33
C THR B 224 -10.43 0.53 -9.39
N PHE B 225 -9.64 0.49 -10.45
CA PHE B 225 -9.86 -0.42 -11.57
C PHE B 225 -9.00 -1.66 -11.44
N GLY B 226 -9.63 -2.80 -11.70
CA GLY B 226 -8.93 -4.07 -11.87
C GLY B 226 -9.18 -4.65 -13.24
N ALA B 227 -8.42 -5.69 -13.57
CA ALA B 227 -8.51 -6.34 -14.86
C ALA B 227 -9.19 -7.70 -14.72
N VAL B 228 -10.18 -7.97 -15.57
CA VAL B 228 -10.79 -9.30 -15.58
C VAL B 228 -9.83 -10.28 -16.26
N LYS B 229 -9.50 -10.01 -17.51
CA LYS B 229 -8.47 -10.76 -18.25
C LYS B 229 -7.38 -9.91 -18.90
N GLN B 230 -7.76 -8.79 -19.50
CA GLN B 230 -6.80 -7.83 -20.05
C GLN B 230 -7.03 -6.46 -19.41
N ALA B 231 -5.95 -5.77 -19.12
CA ALA B 231 -6.02 -4.46 -18.49
C ALA B 231 -6.59 -3.44 -19.47
N SER B 232 -7.37 -2.49 -18.93
CA SER B 232 -7.82 -1.34 -19.71
C SER B 232 -6.95 -0.10 -19.53
N ALA B 233 -5.91 -0.21 -18.70
CA ALA B 233 -4.89 0.83 -18.57
C ALA B 233 -3.68 0.21 -17.92
N PRO B 234 -2.50 0.79 -18.13
CA PRO B 234 -1.31 0.22 -17.54
C PRO B 234 -1.36 0.21 -16.01
N GLY B 235 -0.97 -0.91 -15.41
CA GLY B 235 -0.86 -0.99 -13.95
C GLY B 235 -1.99 -1.73 -13.27
N GLN B 236 -3.12 -1.91 -13.94
CA GLN B 236 -4.21 -2.69 -13.35
C GLN B 236 -3.74 -4.13 -13.11
N ILE B 237 -4.14 -4.68 -11.96
CA ILE B 237 -3.89 -6.07 -11.62
C ILE B 237 -5.17 -6.88 -11.69
N ALA B 238 -5.02 -8.20 -11.58
CA ALA B 238 -6.14 -9.11 -11.60
C ALA B 238 -7.17 -8.70 -10.57
N VAL B 239 -8.43 -8.62 -10.98
CA VAL B 239 -9.45 -8.05 -10.13
C VAL B 239 -9.60 -8.79 -8.80
N ASN B 240 -9.47 -10.11 -8.78
CA ASN B 240 -9.61 -10.82 -7.51
C ASN B 240 -8.46 -10.49 -6.55
N ASP B 241 -7.26 -10.28 -7.08
CA ASP B 241 -6.14 -9.89 -6.24
C ASP B 241 -6.32 -8.46 -5.71
N LEU B 242 -6.81 -7.58 -6.56
CA LEU B 242 -7.18 -6.24 -6.12
C LEU B 242 -8.16 -6.32 -4.95
N ARG B 243 -9.22 -7.10 -5.11
CA ARG B 243 -10.23 -7.22 -4.07
C ARG B 243 -9.62 -7.76 -2.76
N SER B 244 -8.77 -8.77 -2.89
CA SER B 244 -8.14 -9.34 -1.69
C SER B 244 -7.36 -8.28 -0.91
N VAL B 245 -6.62 -7.45 -1.62
CA VAL B 245 -5.84 -6.40 -0.95
C VAL B 245 -6.76 -5.35 -0.34
N LEU B 246 -7.78 -4.92 -1.08
CA LEU B 246 -8.70 -3.92 -0.54
C LEU B 246 -9.33 -4.41 0.76
N MET B 247 -9.71 -5.68 0.81
CA MET B 247 -10.33 -6.23 2.00
CA MET B 247 -10.32 -6.28 1.99
C MET B 247 -9.35 -6.27 3.17
N ILE B 248 -8.12 -6.65 2.92
CA ILE B 248 -7.10 -6.69 3.96
C ILE B 248 -6.87 -5.28 4.53
N LEU B 249 -6.73 -4.29 3.65
CA LEU B 249 -6.53 -2.92 4.11
C LEU B 249 -7.75 -2.40 4.87
N HIS B 250 -8.95 -2.75 4.42
CA HIS B 250 -10.15 -2.26 5.06
C HIS B 250 -10.29 -2.82 6.48
N ASN B 251 -9.87 -4.07 6.67
CA ASN B 251 -10.02 -4.75 7.94
C ASN B 251 -8.80 -4.69 8.84
N ALA B 252 -7.72 -4.02 8.40
CA ALA B 252 -6.50 -3.93 9.18
C ALA B 252 -6.72 -3.23 10.49
O16 L9Z C . 6.46 -3.51 14.03
C14 L9Z C . 6.95 -2.59 14.76
O15 L9Z C . 6.60 -1.38 14.63
C5 L9Z C . 7.99 -2.93 15.78
C6 L9Z C . 9.35 -2.68 15.14
C1 L9Z C . 10.51 -3.02 16.09
O28 L9Z C . 10.60 -2.03 17.14
C21 L9Z C . 11.76 -3.05 15.25
C4 L9Z C . 7.89 -4.35 16.32
C3 L9Z C . 8.99 -4.58 17.36
O19 L9Z C . 8.86 -5.90 17.92
C2 L9Z C . 10.35 -4.40 16.71
O17 L9Z C . 11.41 -4.61 17.66
O16 L9Z D . -7.31 2.29 -14.64
C14 L9Z D . -7.06 3.30 -15.35
O15 L9Z D . -6.00 3.96 -15.19
C5 L9Z D . -8.04 3.76 -16.38
C6 L9Z D . -8.88 4.86 -15.76
C1 L9Z D . -9.94 5.42 -16.72
O28 L9Z D . -9.37 6.23 -17.77
C21 L9Z D . -10.89 6.22 -15.87
C4 L9Z D . -8.97 2.66 -16.90
C3 L9Z D . -9.90 3.24 -17.97
O19 L9Z D . -10.69 2.23 -18.57
C2 L9Z D . -10.79 4.29 -17.33
O17 L9Z D . -11.71 4.85 -18.28
#